data_327D
# 
_entry.id   327D 
# 
_audit_conform.dict_name       mmcif_pdbx.dic 
_audit_conform.dict_version    5.387 
_audit_conform.dict_location   http://mmcif.pdb.org/dictionaries/ascii/mmcif_pdbx.dic 
# 
loop_
_database_2.database_id 
_database_2.database_code 
_database_2.pdbx_database_accession 
_database_2.pdbx_DOI 
PDB   327D         pdb_0000327d 10.2210/pdb327d/pdb 
RCSB  ADJB88       ?            ?                   
WWPDB D_1000178796 ?            ?                   
# 
loop_
_pdbx_audit_revision_history.ordinal 
_pdbx_audit_revision_history.data_content_type 
_pdbx_audit_revision_history.major_revision 
_pdbx_audit_revision_history.minor_revision 
_pdbx_audit_revision_history.revision_date 
1 'Structure model' 1 0 1997-05-22 
2 'Structure model' 1 1 2008-05-22 
3 'Structure model' 1 2 2011-07-13 
4 'Structure model' 1 3 2024-02-21 
# 
_pdbx_audit_revision_details.ordinal             1 
_pdbx_audit_revision_details.revision_ordinal    1 
_pdbx_audit_revision_details.data_content_type   'Structure model' 
_pdbx_audit_revision_details.provider            repository 
_pdbx_audit_revision_details.type                'Initial release' 
_pdbx_audit_revision_details.description         ? 
_pdbx_audit_revision_details.details             ? 
# 
loop_
_pdbx_audit_revision_group.ordinal 
_pdbx_audit_revision_group.revision_ordinal 
_pdbx_audit_revision_group.data_content_type 
_pdbx_audit_revision_group.group 
1 2 'Structure model' 'Version format compliance' 
2 3 'Structure model' 'Version format compliance' 
3 4 'Structure model' 'Data collection'           
4 4 'Structure model' 'Database references'       
5 4 'Structure model' 'Derived calculations'      
# 
loop_
_pdbx_audit_revision_category.ordinal 
_pdbx_audit_revision_category.revision_ordinal 
_pdbx_audit_revision_category.data_content_type 
_pdbx_audit_revision_category.category 
1 4 'Structure model' chem_comp_atom 
2 4 'Structure model' chem_comp_bond 
3 4 'Structure model' database_2     
4 4 'Structure model' struct_conn    
# 
loop_
_pdbx_audit_revision_item.ordinal 
_pdbx_audit_revision_item.revision_ordinal 
_pdbx_audit_revision_item.data_content_type 
_pdbx_audit_revision_item.item 
1 4 'Structure model' '_database_2.pdbx_DOI'                
2 4 'Structure model' '_database_2.pdbx_database_accession' 
3 4 'Structure model' '_struct_conn.pdbx_leaving_atom_flag' 
# 
_pdbx_database_status.status_code                     REL 
_pdbx_database_status.entry_id                        327D 
_pdbx_database_status.recvd_initial_deposition_date   1997-03-17 
_pdbx_database_status.deposit_site                    NDB 
_pdbx_database_status.process_site                    NDB 
_pdbx_database_status.status_code_sf                  REL 
_pdbx_database_status.status_code_mr                  ? 
_pdbx_database_status.SG_entry                        ? 
_pdbx_database_status.pdb_format_compatible           Y 
_pdbx_database_status.status_code_cs                  ? 
_pdbx_database_status.status_code_nmr_data            ? 
_pdbx_database_status.methods_development_category    ? 
# 
loop_
_audit_author.name 
_audit_author.pdbx_ordinal 
'Tippin, D.B.'      1 
'Ramakrishnan, B.'  2 
'Sundaralingam, M.' 3 
# 
_citation.id                        primary 
_citation.title                     
'Methylation of the Z-DNA decamer d(GC)5 potentiates the formation of A-DNA: crystal structure of d(Gm5CGm5CGCGCGC).' 
_citation.journal_abbrev            J.Mol.Biol. 
_citation.journal_volume            270 
_citation.page_first                247 
_citation.page_last                 258 
_citation.year                      1997 
_citation.journal_id_ASTM           JMOBAK 
_citation.country                   UK 
_citation.journal_id_ISSN           0022-2836 
_citation.journal_id_CSD            0070 
_citation.book_publisher            ? 
_citation.pdbx_database_id_PubMed   9236126 
_citation.pdbx_database_id_DOI      10.1006/jmbi.1997.1102 
# 
loop_
_citation_author.citation_id 
_citation_author.name 
_citation_author.ordinal 
_citation_author.identifier_ORCID 
primary 'Tippin, D.B.'      1 ? 
primary 'Ramakrishnan, B.'  2 ? 
primary 'Sundaralingam, M.' 3 ? 
# 
loop_
_entity.id 
_entity.type 
_entity.src_method 
_entity.pdbx_description 
_entity.formula_weight 
_entity.pdbx_number_of_molecules 
_entity.pdbx_ec 
_entity.pdbx_mutation 
_entity.pdbx_fragment 
_entity.details 
1 polymer syn 
;DNA (5'-D(*GP*(5CM)P*GP*(5CM)P*GP*CP*GP*CP*GP*C)-3')
;
3075.035 1  ? ? ? ? 
2 water   nat water                                                  18.015   41 ? ? ? ? 
# 
_entity_poly.entity_id                      1 
_entity_poly.type                           polydeoxyribonucleotide 
_entity_poly.nstd_linkage                   no 
_entity_poly.nstd_monomer                   yes 
_entity_poly.pdbx_seq_one_letter_code       '(DG)(5CM)(DG)(5CM)(DG)(DC)(DG)(DC)(DG)(DC)' 
_entity_poly.pdbx_seq_one_letter_code_can   GCGCGCGCGC 
_entity_poly.pdbx_strand_id                 A 
_entity_poly.pdbx_target_identifier         ? 
# 
_pdbx_entity_nonpoly.entity_id   2 
_pdbx_entity_nonpoly.name        water 
_pdbx_entity_nonpoly.comp_id     HOH 
# 
loop_
_entity_poly_seq.entity_id 
_entity_poly_seq.num 
_entity_poly_seq.mon_id 
_entity_poly_seq.hetero 
1 1  DG  n 
1 2  5CM n 
1 3  DG  n 
1 4  5CM n 
1 5  DG  n 
1 6  DC  n 
1 7  DG  n 
1 8  DC  n 
1 9  DG  n 
1 10 DC  n 
# 
loop_
_chem_comp.id 
_chem_comp.type 
_chem_comp.mon_nstd_flag 
_chem_comp.name 
_chem_comp.pdbx_synonyms 
_chem_comp.formula 
_chem_comp.formula_weight 
5CM 'DNA linking' n "5-METHYL-2'-DEOXY-CYTIDINE-5'-MONOPHOSPHATE" ? 'C10 H16 N3 O7 P' 321.224 
DC  'DNA linking' y "2'-DEOXYCYTIDINE-5'-MONOPHOSPHATE"           ? 'C9 H14 N3 O7 P'  307.197 
DG  'DNA linking' y "2'-DEOXYGUANOSINE-5'-MONOPHOSPHATE"          ? 'C10 H14 N5 O7 P' 347.221 
HOH non-polymer   . WATER                                         ? 'H2 O'            18.015  
# 
loop_
_pdbx_poly_seq_scheme.asym_id 
_pdbx_poly_seq_scheme.entity_id 
_pdbx_poly_seq_scheme.seq_id 
_pdbx_poly_seq_scheme.mon_id 
_pdbx_poly_seq_scheme.ndb_seq_num 
_pdbx_poly_seq_scheme.pdb_seq_num 
_pdbx_poly_seq_scheme.auth_seq_num 
_pdbx_poly_seq_scheme.pdb_mon_id 
_pdbx_poly_seq_scheme.auth_mon_id 
_pdbx_poly_seq_scheme.pdb_strand_id 
_pdbx_poly_seq_scheme.pdb_ins_code 
_pdbx_poly_seq_scheme.hetero 
A 1 1  DG  1  1  1  DG  G  A . n 
A 1 2  5CM 2  2  2  5CM +C A . n 
A 1 3  DG  3  3  3  DG  G  A . n 
A 1 4  5CM 4  4  4  5CM +C A . n 
A 1 5  DG  5  5  5  DG  G  A . n 
A 1 6  DC  6  6  6  DC  C  A . n 
A 1 7  DG  7  7  7  DG  G  A . n 
A 1 8  DC  8  8  8  DC  C  A . n 
A 1 9  DG  9  9  9  DG  G  A . n 
A 1 10 DC  10 10 10 DC  C  A . n 
# 
loop_
_pdbx_nonpoly_scheme.asym_id 
_pdbx_nonpoly_scheme.entity_id 
_pdbx_nonpoly_scheme.mon_id 
_pdbx_nonpoly_scheme.ndb_seq_num 
_pdbx_nonpoly_scheme.pdb_seq_num 
_pdbx_nonpoly_scheme.auth_seq_num 
_pdbx_nonpoly_scheme.pdb_mon_id 
_pdbx_nonpoly_scheme.auth_mon_id 
_pdbx_nonpoly_scheme.pdb_strand_id 
_pdbx_nonpoly_scheme.pdb_ins_code 
B 2 HOH 1  11 11 HOH HOH A . 
B 2 HOH 2  12 12 HOH HOH A . 
B 2 HOH 3  13 13 HOH HOH A . 
B 2 HOH 4  14 14 HOH HOH A . 
B 2 HOH 5  15 15 HOH HOH A . 
B 2 HOH 6  16 16 HOH HOH A . 
B 2 HOH 7  17 17 HOH HOH A . 
B 2 HOH 8  18 18 HOH HOH A . 
B 2 HOH 9  19 19 HOH HOH A . 
B 2 HOH 10 20 20 HOH HOH A . 
B 2 HOH 11 21 21 HOH HOH A . 
B 2 HOH 12 22 22 HOH HOH A . 
B 2 HOH 13 23 23 HOH HOH A . 
B 2 HOH 14 24 24 HOH HOH A . 
B 2 HOH 15 25 25 HOH HOH A . 
B 2 HOH 16 26 26 HOH HOH A . 
B 2 HOH 17 27 27 HOH HOH A . 
B 2 HOH 18 28 28 HOH HOH A . 
B 2 HOH 19 29 29 HOH HOH A . 
B 2 HOH 20 30 30 HOH HOH A . 
B 2 HOH 21 31 31 HOH HOH A . 
B 2 HOH 22 32 32 HOH HOH A . 
B 2 HOH 23 33 33 HOH HOH A . 
B 2 HOH 24 34 34 HOH HOH A . 
B 2 HOH 25 35 35 HOH HOH A . 
B 2 HOH 26 36 36 HOH HOH A . 
B 2 HOH 27 37 37 HOH HOH A . 
B 2 HOH 28 38 38 HOH HOH A . 
B 2 HOH 29 39 39 HOH HOH A . 
B 2 HOH 30 40 40 HOH HOH A . 
B 2 HOH 31 41 41 HOH HOH A . 
B 2 HOH 32 42 42 HOH HOH A . 
B 2 HOH 33 43 43 HOH HOH A . 
B 2 HOH 34 44 44 HOH HOH A . 
B 2 HOH 35 45 45 HOH HOH A . 
B 2 HOH 36 46 46 HOH HOH A . 
B 2 HOH 37 47 47 HOH HOH A . 
B 2 HOH 38 48 48 HOH HOH A . 
B 2 HOH 39 49 49 HOH HOH A . 
B 2 HOH 40 50 50 HOH HOH A . 
B 2 HOH 41 51 51 HOH HOH A . 
# 
loop_
_software.name 
_software.classification 
_software.version 
_software.citation_id 
_software.pdbx_ordinal 
X-PLOR refinement       . ? 1 
MSC    'data reduction' . ? 2 
# 
_cell.entry_id           327D 
_cell.length_a           39.330 
_cell.length_b           39.330 
_cell.length_c           77.930 
_cell.angle_alpha        90.00 
_cell.angle_beta         90.00 
_cell.angle_gamma        120.00 
_cell.Z_PDB              12 
_cell.pdbx_unique_axis   ? 
# 
_symmetry.entry_id                         327D 
_symmetry.space_group_name_H-M             'P 61 2 2' 
_symmetry.pdbx_full_space_group_name_H-M   ? 
_symmetry.cell_setting                     ? 
_symmetry.Int_Tables_number                178 
# 
_exptl.entry_id          327D 
_exptl.method            'X-RAY DIFFRACTION' 
_exptl.crystals_number   ? 
# 
_exptl_crystal.id                    1 
_exptl_crystal.density_meas          ? 
_exptl_crystal.density_Matthews      2.83 
_exptl_crystal.density_percent_sol   56.52 
_exptl_crystal.description           ? 
# 
_exptl_crystal_grow.crystal_id      1 
_exptl_crystal_grow.method          'VAPOR DIFFUSION' 
_exptl_crystal_grow.temp            ? 
_exptl_crystal_grow.temp_details    ? 
_exptl_crystal_grow.pH              ? 
_exptl_crystal_grow.pdbx_details    'VAPOR DIFFUSION' 
_exptl_crystal_grow.pdbx_pH_range   ? 
# 
_diffrn.id                     1 
_diffrn.ambient_temp           295.00 
_diffrn.ambient_temp_details   ? 
_diffrn.crystal_id             1 
# 
_diffrn_detector.diffrn_id              1 
_diffrn_detector.detector               'IMAGE PLATE' 
_diffrn_detector.type                   'RIGAKU RAXIS' 
_diffrn_detector.pdbx_collection_date   1995-06-01 
_diffrn_detector.details                ? 
# 
_diffrn_radiation.diffrn_id                        1 
_diffrn_radiation.wavelength_id                    1 
_diffrn_radiation.pdbx_monochromatic_or_laue_m_l   M 
_diffrn_radiation.monochromator                    ? 
_diffrn_radiation.pdbx_diffrn_protocol             ? 
_diffrn_radiation.pdbx_scattering_type             x-ray 
# 
_diffrn_radiation_wavelength.id           1 
_diffrn_radiation_wavelength.wavelength   . 
_diffrn_radiation_wavelength.wt           1.0 
# 
_diffrn_source.diffrn_id                   1 
_diffrn_source.source                      'ROTATING ANODE' 
_diffrn_source.type                        ? 
_diffrn_source.pdbx_synchrotron_site       ? 
_diffrn_source.pdbx_synchrotron_beamline   ? 
_diffrn_source.pdbx_wavelength             ? 
_diffrn_source.pdbx_wavelength_list        ? 
# 
_reflns.entry_id                     327D 
_reflns.observed_criterion_sigma_I   0.000 
_reflns.observed_criterion_sigma_F   ? 
_reflns.d_resolution_low             ? 
_reflns.d_resolution_high            1.940 
_reflns.number_obs                   2601 
_reflns.number_all                   ? 
_reflns.percent_possible_obs         86.800 
_reflns.pdbx_Rmerge_I_obs            0.052 
_reflns.pdbx_Rsym_value              ? 
_reflns.pdbx_netI_over_sigmaI        ? 
_reflns.B_iso_Wilson_estimate        ? 
_reflns.pdbx_redundancy              ? 
_reflns.pdbx_diffrn_id               1 
_reflns.pdbx_ordinal                 1 
# 
_refine.entry_id                                 327D 
_refine.ls_number_reflns_obs                     2533 
_refine.ls_number_reflns_all                     ? 
_refine.pdbx_ls_sigma_I                          ? 
_refine.pdbx_ls_sigma_F                          1.000 
_refine.pdbx_data_cutoff_high_absF               ? 
_refine.pdbx_data_cutoff_low_absF                ? 
_refine.pdbx_data_cutoff_high_rms_absF           ? 
_refine.ls_d_res_low                             8.000 
_refine.ls_d_res_high                            1.940 
_refine.ls_percent_reflns_obs                    ? 
_refine.ls_R_factor_obs                          0.191 
_refine.ls_R_factor_all                          ? 
_refine.ls_R_factor_R_work                       0.191 
_refine.ls_R_factor_R_free                       0.227 
_refine.ls_R_factor_R_free_error                 ? 
_refine.ls_R_factor_R_free_error_details         ? 
_refine.ls_percent_reflns_R_free                 ? 
_refine.ls_number_reflns_R_free                  ? 
_refine.ls_number_parameters                     ? 
_refine.ls_number_restraints                     ? 
_refine.occupancy_min                            ? 
_refine.occupancy_max                            ? 
_refine.B_iso_mean                               ? 
_refine.aniso_B[1][1]                            ? 
_refine.aniso_B[2][2]                            ? 
_refine.aniso_B[3][3]                            ? 
_refine.aniso_B[1][2]                            ? 
_refine.aniso_B[1][3]                            ? 
_refine.aniso_B[2][3]                            ? 
_refine.solvent_model_details                    ? 
_refine.solvent_model_param_ksol                 ? 
_refine.solvent_model_param_bsol                 ? 
_refine.pdbx_ls_cross_valid_method               ? 
_refine.details                                  ? 
_refine.pdbx_starting_model                      ? 
_refine.pdbx_method_to_determine_struct          ? 
_refine.pdbx_isotropic_thermal_model             ? 
_refine.pdbx_stereochemistry_target_values       ? 
_refine.pdbx_stereochem_target_val_spec_case     ? 
_refine.pdbx_R_Free_selection_details            ? 
_refine.pdbx_overall_ESU_R                       ? 
_refine.pdbx_overall_ESU_R_Free                  ? 
_refine.overall_SU_ML                            ? 
_refine.overall_SU_B                             ? 
_refine.pdbx_refine_id                           'X-RAY DIFFRACTION' 
_refine.pdbx_diffrn_id                           1 
_refine.pdbx_TLS_residual_ADP_flag               ? 
_refine.correlation_coeff_Fo_to_Fc               ? 
_refine.correlation_coeff_Fo_to_Fc_free          ? 
_refine.pdbx_solvent_vdw_probe_radii             ? 
_refine.pdbx_solvent_ion_probe_radii             ? 
_refine.pdbx_solvent_shrinkage_radii             ? 
_refine.pdbx_overall_phase_error                 ? 
_refine.overall_SU_R_Cruickshank_DPI             ? 
_refine.pdbx_overall_SU_R_free_Cruickshank_DPI   ? 
_refine.pdbx_overall_SU_R_Blow_DPI               ? 
_refine.pdbx_overall_SU_R_free_Blow_DPI          ? 
# 
_refine_hist.pdbx_refine_id                   'X-RAY DIFFRACTION' 
_refine_hist.cycle_id                         LAST 
_refine_hist.pdbx_number_atoms_protein        0 
_refine_hist.pdbx_number_atoms_nucleic_acid   202 
_refine_hist.pdbx_number_atoms_ligand         2 
_refine_hist.number_atoms_solvent             41 
_refine_hist.number_atoms_total               245 
_refine_hist.d_res_high                       1.940 
_refine_hist.d_res_low                        8.000 
# 
loop_
_refine_ls_restr.type 
_refine_ls_restr.dev_ideal 
_refine_ls_restr.dev_ideal_target 
_refine_ls_restr.weight 
_refine_ls_restr.number 
_refine_ls_restr.pdbx_refine_id 
_refine_ls_restr.pdbx_restraint_function 
x_bond_d                0.019 ? ? ? 'X-RAY DIFFRACTION' ? 
x_bond_d_na             ?     ? ? ? 'X-RAY DIFFRACTION' ? 
x_bond_d_prot           ?     ? ? ? 'X-RAY DIFFRACTION' ? 
x_angle_d               ?     ? ? ? 'X-RAY DIFFRACTION' ? 
x_angle_d_na            ?     ? ? ? 'X-RAY DIFFRACTION' ? 
x_angle_d_prot          ?     ? ? ? 'X-RAY DIFFRACTION' ? 
x_angle_deg             2.08  ? ? ? 'X-RAY DIFFRACTION' ? 
x_angle_deg_na          ?     ? ? ? 'X-RAY DIFFRACTION' ? 
x_angle_deg_prot        ?     ? ? ? 'X-RAY DIFFRACTION' ? 
x_dihedral_angle_d      ?     ? ? ? 'X-RAY DIFFRACTION' ? 
x_dihedral_angle_d_na   ?     ? ? ? 'X-RAY DIFFRACTION' ? 
x_dihedral_angle_d_prot ?     ? ? ? 'X-RAY DIFFRACTION' ? 
x_improper_angle_d      ?     ? ? ? 'X-RAY DIFFRACTION' ? 
x_improper_angle_d_na   ?     ? ? ? 'X-RAY DIFFRACTION' ? 
x_improper_angle_d_prot ?     ? ? ? 'X-RAY DIFFRACTION' ? 
x_mcbond_it             ?     ? ? ? 'X-RAY DIFFRACTION' ? 
x_mcangle_it            ?     ? ? ? 'X-RAY DIFFRACTION' ? 
x_scbond_it             ?     ? ? ? 'X-RAY DIFFRACTION' ? 
x_scangle_it            ?     ? ? ? 'X-RAY DIFFRACTION' ? 
# 
_struct.entry_id                  327D 
_struct.title                     'CRYSTAL STRUCTURES OF D(GM5CGM5CGCGCGC)' 
_struct.pdbx_model_details        ? 
_struct.pdbx_CASP_flag            ? 
_struct.pdbx_model_type_details   ? 
# 
_struct_keywords.entry_id        327D 
_struct_keywords.pdbx_keywords   DNA 
_struct_keywords.text            'A-DNA, DOUBLE HELIX, MODIFIED, DNA' 
# 
loop_
_struct_asym.id 
_struct_asym.pdbx_blank_PDB_chainid_flag 
_struct_asym.pdbx_modified 
_struct_asym.entity_id 
_struct_asym.details 
A N N 1 ? 
B N N 2 ? 
# 
_struct_ref.id                         1 
_struct_ref.entity_id                  1 
_struct_ref.db_name                    PDB 
_struct_ref.db_code                    327D 
_struct_ref.pdbx_db_accession          327D 
_struct_ref.pdbx_db_isoform            ? 
_struct_ref.pdbx_seq_one_letter_code   ? 
_struct_ref.pdbx_align_begin           ? 
# 
_struct_ref_seq.align_id                      1 
_struct_ref_seq.ref_id                        1 
_struct_ref_seq.pdbx_PDB_id_code              327D 
_struct_ref_seq.pdbx_strand_id                A 
_struct_ref_seq.seq_align_beg                 1 
_struct_ref_seq.pdbx_seq_align_beg_ins_code   ? 
_struct_ref_seq.seq_align_end                 10 
_struct_ref_seq.pdbx_seq_align_end_ins_code   ? 
_struct_ref_seq.pdbx_db_accession             327D 
_struct_ref_seq.db_align_beg                  1 
_struct_ref_seq.pdbx_db_align_beg_ins_code    ? 
_struct_ref_seq.db_align_end                  10 
_struct_ref_seq.pdbx_db_align_end_ins_code    ? 
_struct_ref_seq.pdbx_auth_seq_align_beg       1 
_struct_ref_seq.pdbx_auth_seq_align_end       10 
# 
_pdbx_struct_assembly.id                   1 
_pdbx_struct_assembly.details              author_defined_assembly 
_pdbx_struct_assembly.method_details       ? 
_pdbx_struct_assembly.oligomeric_details   dimeric 
_pdbx_struct_assembly.oligomeric_count     2 
# 
_pdbx_struct_assembly_gen.assembly_id       1 
_pdbx_struct_assembly_gen.oper_expression   1,2 
_pdbx_struct_assembly_gen.asym_id_list      A,B 
# 
loop_
_pdbx_struct_oper_list.id 
_pdbx_struct_oper_list.type 
_pdbx_struct_oper_list.name 
_pdbx_struct_oper_list.symmetry_operation 
_pdbx_struct_oper_list.matrix[1][1] 
_pdbx_struct_oper_list.matrix[1][2] 
_pdbx_struct_oper_list.matrix[1][3] 
_pdbx_struct_oper_list.vector[1] 
_pdbx_struct_oper_list.matrix[2][1] 
_pdbx_struct_oper_list.matrix[2][2] 
_pdbx_struct_oper_list.matrix[2][3] 
_pdbx_struct_oper_list.vector[2] 
_pdbx_struct_oper_list.matrix[3][1] 
_pdbx_struct_oper_list.matrix[3][2] 
_pdbx_struct_oper_list.matrix[3][3] 
_pdbx_struct_oper_list.vector[3] 
1 'identity operation'         1_555  x,y,z         1.0000000000  0.0000000000  0.0000000000 0.0000000000  0.0000000000  1.0000000000  0.0000000000  0.0000000000  0.0000000000 0.0000000000  1.0000000000 0.0000000000 
2 'crystal symmetry operation' 11_555 -x+y,y,-z+1/2 -0.9669582501 -0.0040033218 0.2549033464 -4.7221443183 -0.0040033218 -0.9995149595 -0.0308839611 -0.7386731415 0.2549033464 -0.0308839611 0.9664732096 0.6005051228 
# 
_struct_biol.id   1 
# 
loop_
_struct_conn.id 
_struct_conn.conn_type_id 
_struct_conn.pdbx_leaving_atom_flag 
_struct_conn.pdbx_PDB_id 
_struct_conn.ptnr1_label_asym_id 
_struct_conn.ptnr1_label_comp_id 
_struct_conn.ptnr1_label_seq_id 
_struct_conn.ptnr1_label_atom_id 
_struct_conn.pdbx_ptnr1_label_alt_id 
_struct_conn.pdbx_ptnr1_PDB_ins_code 
_struct_conn.pdbx_ptnr1_standard_comp_id 
_struct_conn.ptnr1_symmetry 
_struct_conn.ptnr2_label_asym_id 
_struct_conn.ptnr2_label_comp_id 
_struct_conn.ptnr2_label_seq_id 
_struct_conn.ptnr2_label_atom_id 
_struct_conn.pdbx_ptnr2_label_alt_id 
_struct_conn.pdbx_ptnr2_PDB_ins_code 
_struct_conn.ptnr1_auth_asym_id 
_struct_conn.ptnr1_auth_comp_id 
_struct_conn.ptnr1_auth_seq_id 
_struct_conn.ptnr2_auth_asym_id 
_struct_conn.ptnr2_auth_comp_id 
_struct_conn.ptnr2_auth_seq_id 
_struct_conn.ptnr2_symmetry 
_struct_conn.pdbx_ptnr3_label_atom_id 
_struct_conn.pdbx_ptnr3_label_seq_id 
_struct_conn.pdbx_ptnr3_label_comp_id 
_struct_conn.pdbx_ptnr3_label_asym_id 
_struct_conn.pdbx_ptnr3_label_alt_id 
_struct_conn.pdbx_ptnr3_PDB_ins_code 
_struct_conn.details 
_struct_conn.pdbx_dist_value 
_struct_conn.pdbx_value_order 
_struct_conn.pdbx_role 
covale1  covale both ? A DG  1  "O3'" ? ? ? 1_555 A 5CM 2  P  ? ? A DG  1  A 5CM 2  1_555  ? ? ? ? ? ? ?            1.627 ? ? 
covale2  covale both ? A 5CM 2  "O3'" ? ? ? 1_555 A DG  3  P  ? ? A 5CM 2  A DG  3  1_555  ? ? ? ? ? ? ?            1.593 ? ? 
covale3  covale both ? A DG  3  "O3'" ? ? ? 1_555 A 5CM 4  P  ? ? A DG  3  A 5CM 4  1_555  ? ? ? ? ? ? ?            1.565 ? ? 
covale4  covale both ? A 5CM 4  "O3'" ? ? ? 1_555 A DG  5  P  ? ? A 5CM 4  A DG  5  1_555  ? ? ? ? ? ? ?            1.619 ? ? 
hydrog1  hydrog ?    ? A DG  1  N1    ? ? ? 1_555 A DC  10 N3 ? ? A DG  1  A DC  10 11_555 ? ? ? ? ? ? WATSON-CRICK ?     ? ? 
hydrog2  hydrog ?    ? A DG  1  N2    ? ? ? 1_555 A DC  10 O2 ? ? A DG  1  A DC  10 11_555 ? ? ? ? ? ? WATSON-CRICK ?     ? ? 
hydrog3  hydrog ?    ? A DG  1  O6    ? ? ? 1_555 A DC  10 N4 ? ? A DG  1  A DC  10 11_555 ? ? ? ? ? ? WATSON-CRICK ?     ? ? 
hydrog4  hydrog ?    ? A 5CM 2  N3    ? ? ? 1_555 A DG  9  N1 ? ? A 5CM 2  A DG  9  11_555 ? ? ? ? ? ? WATSON-CRICK ?     ? ? 
hydrog5  hydrog ?    ? A 5CM 2  N4    ? ? ? 1_555 A DG  9  O6 ? ? A 5CM 2  A DG  9  11_555 ? ? ? ? ? ? WATSON-CRICK ?     ? ? 
hydrog6  hydrog ?    ? A 5CM 2  O2    ? ? ? 1_555 A DG  9  N2 ? ? A 5CM 2  A DG  9  11_555 ? ? ? ? ? ? WATSON-CRICK ?     ? ? 
hydrog7  hydrog ?    ? A DG  3  N1    ? ? ? 1_555 A DC  8  N3 ? ? A DG  3  A DC  8  11_555 ? ? ? ? ? ? WATSON-CRICK ?     ? ? 
hydrog8  hydrog ?    ? A DG  3  N2    ? ? ? 1_555 A DC  8  O2 ? ? A DG  3  A DC  8  11_555 ? ? ? ? ? ? WATSON-CRICK ?     ? ? 
hydrog9  hydrog ?    ? A DG  3  O6    ? ? ? 1_555 A DC  8  N4 ? ? A DG  3  A DC  8  11_555 ? ? ? ? ? ? WATSON-CRICK ?     ? ? 
hydrog10 hydrog ?    ? A 5CM 4  N3    ? ? ? 1_555 A DG  7  N1 ? ? A 5CM 4  A DG  7  11_555 ? ? ? ? ? ? WATSON-CRICK ?     ? ? 
hydrog11 hydrog ?    ? A 5CM 4  N4    ? ? ? 1_555 A DG  7  O6 ? ? A 5CM 4  A DG  7  11_555 ? ? ? ? ? ? WATSON-CRICK ?     ? ? 
hydrog12 hydrog ?    ? A 5CM 4  O2    ? ? ? 1_555 A DG  7  N2 ? ? A 5CM 4  A DG  7  11_555 ? ? ? ? ? ? WATSON-CRICK ?     ? ? 
hydrog13 hydrog ?    ? A DG  5  N1    ? ? ? 1_555 A DC  6  N3 ? ? A DG  5  A DC  6  11_555 ? ? ? ? ? ? WATSON-CRICK ?     ? ? 
hydrog14 hydrog ?    ? A DG  5  N2    ? ? ? 1_555 A DC  6  O2 ? ? A DG  5  A DC  6  11_555 ? ? ? ? ? ? WATSON-CRICK ?     ? ? 
hydrog15 hydrog ?    ? A DG  5  O6    ? ? ? 1_555 A DC  6  N4 ? ? A DG  5  A DC  6  11_555 ? ? ? ? ? ? WATSON-CRICK ?     ? ? 
hydrog16 hydrog ?    ? A DC  6  N3    ? ? ? 1_555 A DG  5  N1 ? ? A DC  6  A DG  5  11_555 ? ? ? ? ? ? WATSON-CRICK ?     ? ? 
hydrog17 hydrog ?    ? A DC  6  N4    ? ? ? 1_555 A DG  5  O6 ? ? A DC  6  A DG  5  11_555 ? ? ? ? ? ? WATSON-CRICK ?     ? ? 
hydrog18 hydrog ?    ? A DC  6  O2    ? ? ? 1_555 A DG  5  N2 ? ? A DC  6  A DG  5  11_555 ? ? ? ? ? ? WATSON-CRICK ?     ? ? 
hydrog19 hydrog ?    ? A DG  7  N1    ? ? ? 1_555 A 5CM 4  N3 ? ? A DG  7  A 5CM 4  11_555 ? ? ? ? ? ? WATSON-CRICK ?     ? ? 
hydrog20 hydrog ?    ? A DG  7  N2    ? ? ? 1_555 A 5CM 4  O2 ? ? A DG  7  A 5CM 4  11_555 ? ? ? ? ? ? WATSON-CRICK ?     ? ? 
hydrog21 hydrog ?    ? A DG  7  O6    ? ? ? 1_555 A 5CM 4  N4 ? ? A DG  7  A 5CM 4  11_555 ? ? ? ? ? ? WATSON-CRICK ?     ? ? 
hydrog22 hydrog ?    ? A DC  8  N3    ? ? ? 1_555 A DG  3  N1 ? ? A DC  8  A DG  3  11_555 ? ? ? ? ? ? WATSON-CRICK ?     ? ? 
hydrog23 hydrog ?    ? A DC  8  N4    ? ? ? 1_555 A DG  3  O6 ? ? A DC  8  A DG  3  11_555 ? ? ? ? ? ? WATSON-CRICK ?     ? ? 
hydrog24 hydrog ?    ? A DC  8  O2    ? ? ? 1_555 A DG  3  N2 ? ? A DC  8  A DG  3  11_555 ? ? ? ? ? ? WATSON-CRICK ?     ? ? 
hydrog25 hydrog ?    ? A DG  9  N1    ? ? ? 1_555 A 5CM 2  N3 ? ? A DG  9  A 5CM 2  11_555 ? ? ? ? ? ? WATSON-CRICK ?     ? ? 
hydrog26 hydrog ?    ? A DG  9  N2    ? ? ? 1_555 A 5CM 2  O2 ? ? A DG  9  A 5CM 2  11_555 ? ? ? ? ? ? WATSON-CRICK ?     ? ? 
hydrog27 hydrog ?    ? A DG  9  O6    ? ? ? 1_555 A 5CM 2  N4 ? ? A DG  9  A 5CM 2  11_555 ? ? ? ? ? ? WATSON-CRICK ?     ? ? 
hydrog28 hydrog ?    ? A DC  10 N3    ? ? ? 1_555 A DG  1  N1 ? ? A DC  10 A DG  1  11_555 ? ? ? ? ? ? WATSON-CRICK ?     ? ? 
hydrog29 hydrog ?    ? A DC  10 N4    ? ? ? 1_555 A DG  1  O6 ? ? A DC  10 A DG  1  11_555 ? ? ? ? ? ? WATSON-CRICK ?     ? ? 
hydrog30 hydrog ?    ? A DC  10 O2    ? ? ? 1_555 A DG  1  N2 ? ? A DC  10 A DG  1  11_555 ? ? ? ? ? ? WATSON-CRICK ?     ? ? 
# 
loop_
_struct_conn_type.id 
_struct_conn_type.criteria 
_struct_conn_type.reference 
covale ? ? 
hydrog ? ? 
# 
loop_
_pdbx_validate_rmsd_bond.id 
_pdbx_validate_rmsd_bond.PDB_model_num 
_pdbx_validate_rmsd_bond.auth_atom_id_1 
_pdbx_validate_rmsd_bond.auth_asym_id_1 
_pdbx_validate_rmsd_bond.auth_comp_id_1 
_pdbx_validate_rmsd_bond.auth_seq_id_1 
_pdbx_validate_rmsd_bond.PDB_ins_code_1 
_pdbx_validate_rmsd_bond.label_alt_id_1 
_pdbx_validate_rmsd_bond.auth_atom_id_2 
_pdbx_validate_rmsd_bond.auth_asym_id_2 
_pdbx_validate_rmsd_bond.auth_comp_id_2 
_pdbx_validate_rmsd_bond.auth_seq_id_2 
_pdbx_validate_rmsd_bond.PDB_ins_code_2 
_pdbx_validate_rmsd_bond.label_alt_id_2 
_pdbx_validate_rmsd_bond.bond_value 
_pdbx_validate_rmsd_bond.bond_target_value 
_pdbx_validate_rmsd_bond.bond_deviation 
_pdbx_validate_rmsd_bond.bond_standard_deviation 
_pdbx_validate_rmsd_bond.linker_flag 
1 1 "C4'" A DC 6 ? ? "C3'" A DC 6 ? ? 1.445 1.521 -0.076 0.010 N 
2 1 "C4'" A DC 8 ? ? "C3'" A DC 8 ? ? 1.444 1.521 -0.077 0.010 N 
3 1 C4    A DG 9 ? ? C5    A DG 9 ? ? 1.335 1.379 -0.044 0.007 N 
# 
loop_
_pdbx_validate_rmsd_angle.id 
_pdbx_validate_rmsd_angle.PDB_model_num 
_pdbx_validate_rmsd_angle.auth_atom_id_1 
_pdbx_validate_rmsd_angle.auth_asym_id_1 
_pdbx_validate_rmsd_angle.auth_comp_id_1 
_pdbx_validate_rmsd_angle.auth_seq_id_1 
_pdbx_validate_rmsd_angle.PDB_ins_code_1 
_pdbx_validate_rmsd_angle.label_alt_id_1 
_pdbx_validate_rmsd_angle.auth_atom_id_2 
_pdbx_validate_rmsd_angle.auth_asym_id_2 
_pdbx_validate_rmsd_angle.auth_comp_id_2 
_pdbx_validate_rmsd_angle.auth_seq_id_2 
_pdbx_validate_rmsd_angle.PDB_ins_code_2 
_pdbx_validate_rmsd_angle.label_alt_id_2 
_pdbx_validate_rmsd_angle.auth_atom_id_3 
_pdbx_validate_rmsd_angle.auth_asym_id_3 
_pdbx_validate_rmsd_angle.auth_comp_id_3 
_pdbx_validate_rmsd_angle.auth_seq_id_3 
_pdbx_validate_rmsd_angle.PDB_ins_code_3 
_pdbx_validate_rmsd_angle.label_alt_id_3 
_pdbx_validate_rmsd_angle.angle_value 
_pdbx_validate_rmsd_angle.angle_target_value 
_pdbx_validate_rmsd_angle.angle_deviation 
_pdbx_validate_rmsd_angle.angle_standard_deviation 
_pdbx_validate_rmsd_angle.linker_flag 
1  1 "O4'" A DG 1  ? ? "C1'" A DG 1  ? ? N9    A DG 1  ? ? 110.33 108.30 2.03  0.30 N 
2  1 "C4'" A DG 3  ? ? "C3'" A DG 3  ? ? "C2'" A DG 3  ? ? 97.96  102.20 -4.24 0.70 N 
3  1 "O4'" A DG 3  ? ? "C1'" A DG 3  ? ? N9    A DG 3  ? ? 111.64 108.30 3.34  0.30 N 
4  1 "C4'" A DC 6  ? ? "C3'" A DC 6  ? ? "C2'" A DC 6  ? ? 97.62  102.20 -4.58 0.70 N 
5  1 "C3'" A DC 6  ? ? "C2'" A DC 6  ? ? "C1'" A DC 6  ? ? 97.46  102.40 -4.94 0.80 N 
6  1 "O4'" A DG 7  ? ? "C1'" A DG 7  ? ? N9    A DG 7  ? ? 112.48 108.30 4.18  0.30 N 
7  1 "O4'" A DC 8  ? ? "C4'" A DC 8  ? ? "C3'" A DC 8  ? ? 101.23 104.50 -3.27 0.40 N 
8  1 "C4'" A DC 8  ? ? "C3'" A DC 8  ? ? "C2'" A DC 8  ? ? 96.61  102.20 -5.59 0.70 N 
9  1 N1    A DC 8  ? ? C2    A DC 8  ? ? O2    A DC 8  ? ? 122.75 118.90 3.85  0.60 N 
10 1 "C4'" A DG 9  ? ? "C3'" A DG 9  ? ? "C2'" A DG 9  ? ? 97.67  102.20 -4.53 0.70 N 
11 1 "O4'" A DG 9  ? ? "C1'" A DG 9  ? ? N9    A DG 9  ? ? 111.97 108.30 3.67  0.30 N 
12 1 "O4'" A DC 10 ? ? "C1'" A DC 10 ? ? N1    A DC 10 ? ? 111.74 108.30 3.44  0.30 N 
# 
loop_
_pdbx_validate_planes.id 
_pdbx_validate_planes.PDB_model_num 
_pdbx_validate_planes.auth_comp_id 
_pdbx_validate_planes.auth_asym_id 
_pdbx_validate_planes.auth_seq_id 
_pdbx_validate_planes.PDB_ins_code 
_pdbx_validate_planes.label_alt_id 
_pdbx_validate_planes.rmsd 
_pdbx_validate_planes.type 
1 1 DG A 7 ? ? 0.070 'SIDE CHAIN' 
2 1 DG A 9 ? ? 0.065 'SIDE CHAIN' 
# 
loop_
_pdbx_struct_mod_residue.id 
_pdbx_struct_mod_residue.label_asym_id 
_pdbx_struct_mod_residue.label_comp_id 
_pdbx_struct_mod_residue.label_seq_id 
_pdbx_struct_mod_residue.auth_asym_id 
_pdbx_struct_mod_residue.auth_comp_id 
_pdbx_struct_mod_residue.auth_seq_id 
_pdbx_struct_mod_residue.PDB_ins_code 
_pdbx_struct_mod_residue.parent_comp_id 
_pdbx_struct_mod_residue.details 
1 A 5CM 2 A 5CM 2 ? DC ? 
2 A 5CM 4 A 5CM 4 ? DC ? 
# 
loop_
_pdbx_struct_special_symmetry.id 
_pdbx_struct_special_symmetry.PDB_model_num 
_pdbx_struct_special_symmetry.auth_asym_id 
_pdbx_struct_special_symmetry.auth_comp_id 
_pdbx_struct_special_symmetry.auth_seq_id 
_pdbx_struct_special_symmetry.PDB_ins_code 
_pdbx_struct_special_symmetry.label_asym_id 
_pdbx_struct_special_symmetry.label_comp_id 
_pdbx_struct_special_symmetry.label_seq_id 
1 1 A HOH 42 ? B HOH . 
2 1 A HOH 44 ? B HOH . 
# 
loop_
_refine_B_iso.class 
_refine_B_iso.details 
_refine_B_iso.treatment 
_refine_B_iso.pdbx_refine_id 
'ALL ATOMS'  TR isotropic 'X-RAY DIFFRACTION' 
'ALL WATERS' TR isotropic 'X-RAY DIFFRACTION' 
# 
loop_
_refine_occupancy.class 
_refine_occupancy.treatment 
_refine_occupancy.pdbx_refine_id 
'ALL ATOMS'  fix 'X-RAY DIFFRACTION' 
'ALL WATERS' fix 'X-RAY DIFFRACTION' 
# 
loop_
_chem_comp_atom.comp_id 
_chem_comp_atom.atom_id 
_chem_comp_atom.type_symbol 
_chem_comp_atom.pdbx_aromatic_flag 
_chem_comp_atom.pdbx_stereo_config 
_chem_comp_atom.pdbx_ordinal 
5CM N1     N N N 1   
5CM C2     C N N 2   
5CM N3     N N N 3   
5CM C4     C N N 4   
5CM C5     C N N 5   
5CM C5A    C N N 6   
5CM C6     C N N 7   
5CM O2     O N N 8   
5CM N4     N N N 9   
5CM "C1'"  C N R 10  
5CM "C2'"  C N N 11  
5CM "C3'"  C N S 12  
5CM "C4'"  C N R 13  
5CM "O4'"  O N N 14  
5CM "O3'"  O N N 15  
5CM "C5'"  C N N 16  
5CM "O5'"  O N N 17  
5CM P      P N N 18  
5CM OP1    O N N 19  
5CM OP2    O N N 20  
5CM OP3    O N N 21  
5CM H5A1   H N N 22  
5CM H5A2   H N N 23  
5CM H5A3   H N N 24  
5CM H6     H N N 25  
5CM HN41   H N N 26  
5CM HN42   H N N 27  
5CM "H1'"  H N N 28  
5CM "H2'"  H N N 29  
5CM "H2''" H N N 30  
5CM "H3'"  H N N 31  
5CM "H4'"  H N N 32  
5CM "HO3'" H N N 33  
5CM "H5'"  H N N 34  
5CM "H5''" H N N 35  
5CM HOP2   H N N 36  
5CM HOP3   H N N 37  
DC  OP3    O N N 38  
DC  P      P N N 39  
DC  OP1    O N N 40  
DC  OP2    O N N 41  
DC  "O5'"  O N N 42  
DC  "C5'"  C N N 43  
DC  "C4'"  C N R 44  
DC  "O4'"  O N N 45  
DC  "C3'"  C N S 46  
DC  "O3'"  O N N 47  
DC  "C2'"  C N N 48  
DC  "C1'"  C N R 49  
DC  N1     N N N 50  
DC  C2     C N N 51  
DC  O2     O N N 52  
DC  N3     N N N 53  
DC  C4     C N N 54  
DC  N4     N N N 55  
DC  C5     C N N 56  
DC  C6     C N N 57  
DC  HOP3   H N N 58  
DC  HOP2   H N N 59  
DC  "H5'"  H N N 60  
DC  "H5''" H N N 61  
DC  "H4'"  H N N 62  
DC  "H3'"  H N N 63  
DC  "HO3'" H N N 64  
DC  "H2'"  H N N 65  
DC  "H2''" H N N 66  
DC  "H1'"  H N N 67  
DC  H41    H N N 68  
DC  H42    H N N 69  
DC  H5     H N N 70  
DC  H6     H N N 71  
DG  OP3    O N N 72  
DG  P      P N N 73  
DG  OP1    O N N 74  
DG  OP2    O N N 75  
DG  "O5'"  O N N 76  
DG  "C5'"  C N N 77  
DG  "C4'"  C N R 78  
DG  "O4'"  O N N 79  
DG  "C3'"  C N S 80  
DG  "O3'"  O N N 81  
DG  "C2'"  C N N 82  
DG  "C1'"  C N R 83  
DG  N9     N Y N 84  
DG  C8     C Y N 85  
DG  N7     N Y N 86  
DG  C5     C Y N 87  
DG  C6     C N N 88  
DG  O6     O N N 89  
DG  N1     N N N 90  
DG  C2     C N N 91  
DG  N2     N N N 92  
DG  N3     N N N 93  
DG  C4     C Y N 94  
DG  HOP3   H N N 95  
DG  HOP2   H N N 96  
DG  "H5'"  H N N 97  
DG  "H5''" H N N 98  
DG  "H4'"  H N N 99  
DG  "H3'"  H N N 100 
DG  "HO3'" H N N 101 
DG  "H2'"  H N N 102 
DG  "H2''" H N N 103 
DG  "H1'"  H N N 104 
DG  H8     H N N 105 
DG  H1     H N N 106 
DG  H21    H N N 107 
DG  H22    H N N 108 
HOH O      O N N 109 
HOH H1     H N N 110 
HOH H2     H N N 111 
# 
loop_
_chem_comp_bond.comp_id 
_chem_comp_bond.atom_id_1 
_chem_comp_bond.atom_id_2 
_chem_comp_bond.value_order 
_chem_comp_bond.pdbx_aromatic_flag 
_chem_comp_bond.pdbx_stereo_config 
_chem_comp_bond.pdbx_ordinal 
5CM N1    C2     sing N N 1   
5CM N1    C6     sing N N 2   
5CM N1    "C1'"  sing N N 3   
5CM C2    N3     sing N N 4   
5CM C2    O2     doub N N 5   
5CM N3    C4     doub N N 6   
5CM C4    C5     sing N N 7   
5CM C4    N4     sing N N 8   
5CM C5    C5A    sing N N 9   
5CM C5    C6     doub N N 10  
5CM C5A   H5A1   sing N N 11  
5CM C5A   H5A2   sing N N 12  
5CM C5A   H5A3   sing N N 13  
5CM C6    H6     sing N N 14  
5CM N4    HN41   sing N N 15  
5CM N4    HN42   sing N N 16  
5CM "C1'" "C2'"  sing N N 17  
5CM "C1'" "O4'"  sing N N 18  
5CM "C1'" "H1'"  sing N N 19  
5CM "C2'" "C3'"  sing N N 20  
5CM "C2'" "H2'"  sing N N 21  
5CM "C2'" "H2''" sing N N 22  
5CM "C3'" "C4'"  sing N N 23  
5CM "C3'" "O3'"  sing N N 24  
5CM "C3'" "H3'"  sing N N 25  
5CM "C4'" "O4'"  sing N N 26  
5CM "C4'" "C5'"  sing N N 27  
5CM "C4'" "H4'"  sing N N 28  
5CM "O3'" "HO3'" sing N N 29  
5CM "C5'" "O5'"  sing N N 30  
5CM "C5'" "H5'"  sing N N 31  
5CM "C5'" "H5''" sing N N 32  
5CM "O5'" P      sing N N 33  
5CM P     OP1    doub N N 34  
5CM P     OP2    sing N N 35  
5CM P     OP3    sing N N 36  
5CM OP2   HOP2   sing N N 37  
5CM OP3   HOP3   sing N N 38  
DC  OP3   P      sing N N 39  
DC  OP3   HOP3   sing N N 40  
DC  P     OP1    doub N N 41  
DC  P     OP2    sing N N 42  
DC  P     "O5'"  sing N N 43  
DC  OP2   HOP2   sing N N 44  
DC  "O5'" "C5'"  sing N N 45  
DC  "C5'" "C4'"  sing N N 46  
DC  "C5'" "H5'"  sing N N 47  
DC  "C5'" "H5''" sing N N 48  
DC  "C4'" "O4'"  sing N N 49  
DC  "C4'" "C3'"  sing N N 50  
DC  "C4'" "H4'"  sing N N 51  
DC  "O4'" "C1'"  sing N N 52  
DC  "C3'" "O3'"  sing N N 53  
DC  "C3'" "C2'"  sing N N 54  
DC  "C3'" "H3'"  sing N N 55  
DC  "O3'" "HO3'" sing N N 56  
DC  "C2'" "C1'"  sing N N 57  
DC  "C2'" "H2'"  sing N N 58  
DC  "C2'" "H2''" sing N N 59  
DC  "C1'" N1     sing N N 60  
DC  "C1'" "H1'"  sing N N 61  
DC  N1    C2     sing N N 62  
DC  N1    C6     sing N N 63  
DC  C2    O2     doub N N 64  
DC  C2    N3     sing N N 65  
DC  N3    C4     doub N N 66  
DC  C4    N4     sing N N 67  
DC  C4    C5     sing N N 68  
DC  N4    H41    sing N N 69  
DC  N4    H42    sing N N 70  
DC  C5    C6     doub N N 71  
DC  C5    H5     sing N N 72  
DC  C6    H6     sing N N 73  
DG  OP3   P      sing N N 74  
DG  OP3   HOP3   sing N N 75  
DG  P     OP1    doub N N 76  
DG  P     OP2    sing N N 77  
DG  P     "O5'"  sing N N 78  
DG  OP2   HOP2   sing N N 79  
DG  "O5'" "C5'"  sing N N 80  
DG  "C5'" "C4'"  sing N N 81  
DG  "C5'" "H5'"  sing N N 82  
DG  "C5'" "H5''" sing N N 83  
DG  "C4'" "O4'"  sing N N 84  
DG  "C4'" "C3'"  sing N N 85  
DG  "C4'" "H4'"  sing N N 86  
DG  "O4'" "C1'"  sing N N 87  
DG  "C3'" "O3'"  sing N N 88  
DG  "C3'" "C2'"  sing N N 89  
DG  "C3'" "H3'"  sing N N 90  
DG  "O3'" "HO3'" sing N N 91  
DG  "C2'" "C1'"  sing N N 92  
DG  "C2'" "H2'"  sing N N 93  
DG  "C2'" "H2''" sing N N 94  
DG  "C1'" N9     sing N N 95  
DG  "C1'" "H1'"  sing N N 96  
DG  N9    C8     sing Y N 97  
DG  N9    C4     sing Y N 98  
DG  C8    N7     doub Y N 99  
DG  C8    H8     sing N N 100 
DG  N7    C5     sing Y N 101 
DG  C5    C6     sing N N 102 
DG  C5    C4     doub Y N 103 
DG  C6    O6     doub N N 104 
DG  C6    N1     sing N N 105 
DG  N1    C2     sing N N 106 
DG  N1    H1     sing N N 107 
DG  C2    N2     sing N N 108 
DG  C2    N3     doub N N 109 
DG  N2    H21    sing N N 110 
DG  N2    H22    sing N N 111 
DG  N3    C4     sing N N 112 
HOH O     H1     sing N N 113 
HOH O     H2     sing N N 114 
# 
_ndb_struct_conf_na.entry_id   327D 
_ndb_struct_conf_na.feature    'a-form double helix' 
# 
loop_
_ndb_struct_na_base_pair.model_number 
_ndb_struct_na_base_pair.i_label_asym_id 
_ndb_struct_na_base_pair.i_label_comp_id 
_ndb_struct_na_base_pair.i_label_seq_id 
_ndb_struct_na_base_pair.i_symmetry 
_ndb_struct_na_base_pair.j_label_asym_id 
_ndb_struct_na_base_pair.j_label_comp_id 
_ndb_struct_na_base_pair.j_label_seq_id 
_ndb_struct_na_base_pair.j_symmetry 
_ndb_struct_na_base_pair.shear 
_ndb_struct_na_base_pair.stretch 
_ndb_struct_na_base_pair.stagger 
_ndb_struct_na_base_pair.buckle 
_ndb_struct_na_base_pair.propeller 
_ndb_struct_na_base_pair.opening 
_ndb_struct_na_base_pair.pair_number 
_ndb_struct_na_base_pair.pair_name 
_ndb_struct_na_base_pair.i_auth_asym_id 
_ndb_struct_na_base_pair.i_auth_seq_id 
_ndb_struct_na_base_pair.i_PDB_ins_code 
_ndb_struct_na_base_pair.j_auth_asym_id 
_ndb_struct_na_base_pair.j_auth_seq_id 
_ndb_struct_na_base_pair.j_PDB_ins_code 
_ndb_struct_na_base_pair.hbond_type_28 
_ndb_struct_na_base_pair.hbond_type_12 
1 A DG  1  1_555 A DC  10 11_555 -0.559 -0.267 0.027 -7.096 -8.474  -2.354 1  A_DG1:DC10_A A 1  ? A 10 ? 19 1 
1 A 5CM 2  1_555 A DG  9  11_555 0.030  -0.154 0.048 3.095  -10.136 -1.117 2  A_5CM2:DG9_A A 2  ? A 9  ? 19 1 
1 A DG  3  1_555 A DC  8  11_555 -0.331 -0.239 0.347 6.957  -8.208  -0.905 3  A_DG3:DC8_A  A 3  ? A 8  ? 19 1 
1 A 5CM 4  1_555 A DG  7  11_555 0.186  -0.152 0.075 7.125  -12.138 -3.739 4  A_5CM4:DG7_A A 4  ? A 7  ? 19 1 
1 A DG  5  1_555 A DC  6  11_555 -0.108 -0.197 0.097 2.885  -14.429 -3.590 5  A_DG5:DC6_A  A 5  ? A 6  ? 19 1 
1 A DC  6  1_555 A DG  5  11_555 0.108  -0.197 0.097 -2.885 -14.429 -3.590 6  A_DC6:DG5_A  A 6  ? A 5  ? 19 1 
1 A DG  7  1_555 A 5CM 4  11_555 -0.186 -0.152 0.075 -7.125 -12.138 -3.740 7  A_DG7:5CM4_A A 7  ? A 4  ? 19 1 
1 A DC  8  1_555 A DG  3  11_555 0.331  -0.239 0.347 -6.957 -8.208  -0.905 8  A_DC8:DG3_A  A 8  ? A 3  ? 19 1 
1 A DG  9  1_555 A 5CM 2  11_555 -0.030 -0.154 0.048 -3.095 -10.136 -1.117 9  A_DG9:5CM2_A A 9  ? A 2  ? 19 1 
1 A DC  10 1_555 A DG  1  11_555 0.559  -0.267 0.027 7.096  -8.474  -2.354 10 A_DC10:DG1_A A 10 ? A 1  ? 19 1 
# 
loop_
_ndb_struct_na_base_pair_step.model_number 
_ndb_struct_na_base_pair_step.i_label_asym_id_1 
_ndb_struct_na_base_pair_step.i_label_comp_id_1 
_ndb_struct_na_base_pair_step.i_label_seq_id_1 
_ndb_struct_na_base_pair_step.i_symmetry_1 
_ndb_struct_na_base_pair_step.j_label_asym_id_1 
_ndb_struct_na_base_pair_step.j_label_comp_id_1 
_ndb_struct_na_base_pair_step.j_label_seq_id_1 
_ndb_struct_na_base_pair_step.j_symmetry_1 
_ndb_struct_na_base_pair_step.i_label_asym_id_2 
_ndb_struct_na_base_pair_step.i_label_comp_id_2 
_ndb_struct_na_base_pair_step.i_label_seq_id_2 
_ndb_struct_na_base_pair_step.i_symmetry_2 
_ndb_struct_na_base_pair_step.j_label_asym_id_2 
_ndb_struct_na_base_pair_step.j_label_comp_id_2 
_ndb_struct_na_base_pair_step.j_label_seq_id_2 
_ndb_struct_na_base_pair_step.j_symmetry_2 
_ndb_struct_na_base_pair_step.shift 
_ndb_struct_na_base_pair_step.slide 
_ndb_struct_na_base_pair_step.rise 
_ndb_struct_na_base_pair_step.tilt 
_ndb_struct_na_base_pair_step.roll 
_ndb_struct_na_base_pair_step.twist 
_ndb_struct_na_base_pair_step.x_displacement 
_ndb_struct_na_base_pair_step.y_displacement 
_ndb_struct_na_base_pair_step.helical_rise 
_ndb_struct_na_base_pair_step.inclination 
_ndb_struct_na_base_pair_step.tip 
_ndb_struct_na_base_pair_step.helical_twist 
_ndb_struct_na_base_pair_step.step_number 
_ndb_struct_na_base_pair_step.step_name 
_ndb_struct_na_base_pair_step.i_auth_asym_id_1 
_ndb_struct_na_base_pair_step.i_auth_seq_id_1 
_ndb_struct_na_base_pair_step.i_PDB_ins_code_1 
_ndb_struct_na_base_pair_step.j_auth_asym_id_1 
_ndb_struct_na_base_pair_step.j_auth_seq_id_1 
_ndb_struct_na_base_pair_step.j_PDB_ins_code_1 
_ndb_struct_na_base_pair_step.i_auth_asym_id_2 
_ndb_struct_na_base_pair_step.i_auth_seq_id_2 
_ndb_struct_na_base_pair_step.i_PDB_ins_code_2 
_ndb_struct_na_base_pair_step.j_auth_asym_id_2 
_ndb_struct_na_base_pair_step.j_auth_seq_id_2 
_ndb_struct_na_base_pair_step.j_PDB_ins_code_2 
1 A DG  1 1_555 A DC  10 11_555 A 5CM 2  1_555 A DG  9 11_555 0.149  -1.067 3.055 0.322  6.828  34.393 -2.699 -0.204 2.800 11.408 
-0.537 35.045 1 AA_DG15CM2:DG9DC10_AA A 1 ? A 10 ? A 2  ? A 9 ? 
1 A 5CM 2 1_555 A DG  9  11_555 A DG  3  1_555 A DC  8 11_555 0.143  -1.347 3.210 -2.324 8.437  29.194 -4.122 -0.702 2.705 16.283 
4.485  30.450 2 AA_5CM2DG3:DC8DG9_AA  A 2 ? A 9  ? A 3  ? A 8 ? 
1 A DG  3 1_555 A DC  8  11_555 A 5CM 4  1_555 A DG  7 11_555 -0.425 -1.691 3.369 -1.148 3.196  31.985 -3.628 0.561  3.202 5.780  
2.076  32.160 3 AA_DG35CM4:DG7DC8_AA  A 3 ? A 8  ? A 4  ? A 7 ? 
1 A 5CM 4 1_555 A DG  7  11_555 A DG  5  1_555 A DC  6 11_555 -0.679 -1.688 3.189 -2.816 14.833 32.430 -4.641 0.750  2.276 24.943 
4.735  35.687 4 AA_5CM4DG5:DC6DG7_AA  A 4 ? A 7  ? A 5  ? A 6 ? 
1 A DG  5 1_555 A DC  6  11_555 A DC  6  1_555 A DG  5 11_555 0.000  -1.525 3.374 0.000  6.355  33.174 -3.645 0.000  3.038 11.005 
0.000  33.761 5 AA_DG5DC6:DG5DC6_AA   A 5 ? A 6  ? A 6  ? A 5 ? 
1 A DC  6 1_555 A DG  5  11_555 A DG  7  1_555 A 5CM 4 11_555 0.679  -1.688 3.189 2.816  14.833 32.430 -4.641 -0.750 2.276 24.943 
-4.735 35.686 6 AA_DC6DG7:5CM4DG5_AA  A 6 ? A 5  ? A 7  ? A 4 ? 
1 A DG  7 1_555 A 5CM 4  11_555 A DC  8  1_555 A DG  3 11_555 0.425  -1.691 3.369 1.148  3.196  31.985 -3.628 -0.561 3.202 5.780  
-2.076 32.160 7 AA_DG7DC8:DG35CM4_AA  A 7 ? A 4  ? A 8  ? A 3 ? 
1 A DC  8 1_555 A DG  3  11_555 A DG  9  1_555 A 5CM 2 11_555 -0.143 -1.347 3.210 2.324  8.437  29.194 -4.122 0.702  2.705 16.283 
-4.485 30.450 8 AA_DC8DG9:5CM2DG3_AA  A 8 ? A 3  ? A 9  ? A 2 ? 
1 A DG  9 1_555 A 5CM 2  11_555 A DC  10 1_555 A DG  1 11_555 -0.149 -1.067 3.055 -0.322 6.828  34.393 -2.699 0.204  2.800 11.408 
0.537  35.045 9 AA_DG9DC10:DG15CM2_AA A 9 ? A 2  ? A 10 ? A 1 ? 
# 
_atom_sites.entry_id                    327D 
_atom_sites.fract_transf_matrix[1][1]   0.02253751 
_atom_sites.fract_transf_matrix[1][2]   0.01440165 
_atom_sites.fract_transf_matrix[1][3]   0.01210938 
_atom_sites.fract_transf_matrix[2][1]   0.00377362 
_atom_sites.fract_transf_matrix[2][2]   -0.00045721 
_atom_sites.fract_transf_matrix[2][3]   0.02911188 
_atom_sites.fract_transf_matrix[3][1]   0.00730222 
_atom_sites.fract_transf_matrix[3][2]   -0.01049298 
_atom_sites.fract_transf_matrix[3][3]   -0.00111134 
_atom_sites.fract_transf_vector[1]      0.478046 
_atom_sites.fract_transf_vector[2]      0.846271 
_atom_sites.fract_transf_vector[3]      0.263699 
# 
loop_
_atom_type.symbol 
C 
N 
O 
P 
# 
loop_
_atom_site.group_PDB 
_atom_site.id 
_atom_site.type_symbol 
_atom_site.label_atom_id 
_atom_site.label_alt_id 
_atom_site.label_comp_id 
_atom_site.label_asym_id 
_atom_site.label_entity_id 
_atom_site.label_seq_id 
_atom_site.pdbx_PDB_ins_code 
_atom_site.Cartn_x 
_atom_site.Cartn_y 
_atom_site.Cartn_z 
_atom_site.occupancy 
_atom_site.B_iso_or_equiv 
_atom_site.pdbx_formal_charge 
_atom_site.auth_seq_id 
_atom_site.auth_comp_id 
_atom_site.auth_asym_id 
_atom_site.auth_atom_id 
_atom_site.pdbx_PDB_model_num 
ATOM   1   O "O5'" . DG  A 1 1  ? -13.122 -3.435  -6.834  1.00 45.36 ? 1  DG  A "O5'" 1 
ATOM   2   C "C5'" . DG  A 1 1  ? -13.106 -3.233  -8.262  1.00 37.69 ? 1  DG  A "C5'" 1 
ATOM   3   C "C4'" . DG  A 1 1  ? -13.187 -1.773  -8.674  1.00 36.66 ? 1  DG  A "C4'" 1 
ATOM   4   O "O4'" . DG  A 1 1  ? -14.333 -1.189  -8.039  1.00 34.50 ? 1  DG  A "O4'" 1 
ATOM   5   C "C3'" . DG  A 1 1  ? -12.050 -0.945  -8.213  1.00 36.17 ? 1  DG  A "C3'" 1 
ATOM   6   O "O3'" . DG  A 1 1  ? -11.082 -0.998  -9.235  1.00 42.44 ? 1  DG  A "O3'" 1 
ATOM   7   C "C2'" . DG  A 1 1  ? -12.685 0.439   -8.262  1.00 32.57 ? 1  DG  A "C2'" 1 
ATOM   8   C "C1'" . DG  A 1 1  ? -14.038 0.160   -7.668  1.00 30.35 ? 1  DG  A "C1'" 1 
ATOM   9   N N9    . DG  A 1 1  ? -14.048 0.301   -6.203  1.00 24.47 ? 1  DG  A N9    1 
ATOM   10  C C8    . DG  A 1 1  ? -14.090 -0.660  -5.257  1.00 23.22 ? 1  DG  A C8    1 
ATOM   11  N N7    . DG  A 1 1  ? -14.139 -0.216  -4.062  1.00 28.33 ? 1  DG  A N7    1 
ATOM   12  C C5    . DG  A 1 1  ? -14.128 1.145   -4.215  1.00 26.02 ? 1  DG  A C5    1 
ATOM   13  C C6    . DG  A 1 1  ? -14.209 2.153   -3.232  1.00 26.23 ? 1  DG  A C6    1 
ATOM   14  O O6    . DG  A 1 1  ? -14.210 1.985   -2.015  1.00 29.98 ? 1  DG  A O6    1 
ATOM   15  N N1    . DG  A 1 1  ? -14.231 3.424   -3.803  1.00 24.67 ? 1  DG  A N1    1 
ATOM   16  C C2    . DG  A 1 1  ? -14.170 3.667   -5.163  1.00 24.89 ? 1  DG  A C2    1 
ATOM   17  N N2    . DG  A 1 1  ? -14.242 4.939   -5.572  1.00 22.10 ? 1  DG  A N2    1 
ATOM   18  N N3    . DG  A 1 1  ? -14.082 2.698   -6.074  1.00 26.96 ? 1  DG  A N3    1 
ATOM   19  C C4    . DG  A 1 1  ? -14.068 1.472   -5.530  1.00 24.98 ? 1  DG  A C4    1 
HETATM 20  N N1    . 5CM A 1 2  ? -10.422 3.187   -5.725  1.00 29.87 ? 2  5CM A N1    1 
HETATM 21  C C2    . 5CM A 1 2  ? -10.693 3.949   -4.616  1.00 27.87 ? 2  5CM A C2    1 
HETATM 22  N N3    . 5CM A 1 2  ? -10.923 3.314   -3.449  1.00 26.80 ? 2  5CM A N3    1 
HETATM 23  C C4    . 5CM A 1 2  ? -10.889 1.996   -3.343  1.00 28.65 ? 2  5CM A C4    1 
HETATM 24  C C5    . 5CM A 1 2  ? -10.603 1.181   -4.479  1.00 29.91 ? 2  5CM A C5    1 
HETATM 25  C C5A   . 5CM A 1 2  ? -10.525 -0.331  -4.429  1.00 27.16 ? 2  5CM A C5A   1 
HETATM 26  C C6    . 5CM A 1 2  ? -10.383 1.822   -5.637  1.00 32.14 ? 2  5CM A C6    1 
HETATM 27  O O2    . 5CM A 1 2  ? -10.736 5.178   -4.661  1.00 28.71 ? 2  5CM A O2    1 
HETATM 28  N N4    . 5CM A 1 2  ? -11.154 1.455   -2.158  1.00 26.74 ? 2  5CM A N4    1 
HETATM 29  C "C1'" . 5CM A 1 2  ? -10.222 3.887   -7.007  1.00 32.23 ? 2  5CM A "C1'" 1 
HETATM 30  C "C2'" . 5CM A 1 2  ? -8.837  4.442   -7.132  1.00 36.32 ? 2  5CM A "C2'" 1 
HETATM 31  C "C3'" . 5CM A 1 2  ? -8.169  3.345   -7.921  1.00 40.99 ? 2  5CM A "C3'" 1 
HETATM 32  C "C4'" . 5CM A 1 2  ? -9.219  3.054   -8.950  1.00 35.03 ? 2  5CM A "C4'" 1 
HETATM 33  O "O4'" . 5CM A 1 2  ? -10.405 3.041   -8.166  1.00 36.98 ? 2  5CM A "O4'" 1 
HETATM 34  O "O3'" . 5CM A 1 2  ? -7.071  3.948   -8.564  1.00 44.28 ? 2  5CM A "O3'" 1 
HETATM 35  C "C5'" . 5CM A 1 2  ? -9.109  1.665   -9.585  1.00 38.76 ? 2  5CM A "C5'" 1 
HETATM 36  O "O5'" . 5CM A 1 2  ? -9.221  0.645   -8.592  1.00 40.02 ? 2  5CM A "O5'" 1 
HETATM 37  P P     . 5CM A 1 2  ? -9.498  -0.927  -8.868  1.00 43.95 ? 2  5CM A P     1 
HETATM 38  O OP1   . 5CM A 1 2  ? -8.760  -1.320  -10.095 1.00 45.69 ? 2  5CM A OP1   1 
HETATM 39  O OP2   . 5CM A 1 2  ? -9.269  -1.677  -7.589  1.00 41.57 ? 2  5CM A OP2   1 
ATOM   40  P P     . DG  A 1 3  ? -5.655  3.601   -7.920  1.00 43.40 ? 3  DG  A P     1 
ATOM   41  O OP1   . DG  A 1 3  ? -4.667  3.895   -8.970  1.00 50.71 ? 3  DG  A OP1   1 
ATOM   42  O OP2   . DG  A 1 3  ? -5.679  2.265   -7.285  1.00 44.96 ? 3  DG  A OP2   1 
ATOM   43  O "O5'" . DG  A 1 3  ? -5.495  4.690   -6.779  1.00 39.34 ? 3  DG  A "O5'" 1 
ATOM   44  C "C5'" . DG  A 1 3  ? -5.197  6.002   -7.131  1.00 36.64 ? 3  DG  A "C5'" 1 
ATOM   45  C "C4'" . DG  A 1 3  ? -5.470  6.789   -5.922  1.00 37.23 ? 3  DG  A "C4'" 1 
ATOM   46  O "O4'" . DG  A 1 3  ? -6.735  6.408   -5.443  1.00 40.59 ? 3  DG  A "O4'" 1 
ATOM   47  C "C3'" . DG  A 1 3  ? -4.590  6.464   -4.796  1.00 39.93 ? 3  DG  A "C3'" 1 
ATOM   48  O "O3'" . DG  A 1 3  ? -3.466  7.274   -4.996  1.00 43.37 ? 3  DG  A "O3'" 1 
ATOM   49  C "C2'" . DG  A 1 3  ? -5.410  7.119   -3.692  1.00 39.19 ? 3  DG  A "C2'" 1 
ATOM   50  C "C1'" . DG  A 1 3  ? -6.767  6.593   -4.014  1.00 35.36 ? 3  DG  A "C1'" 1 
ATOM   51  N N9    . DG  A 1 3  ? -7.030  5.324   -3.307  1.00 27.72 ? 3  DG  A N9    1 
ATOM   52  C C8    . DG  A 1 3  ? -7.065  4.036   -3.788  1.00 29.72 ? 3  DG  A C8    1 
ATOM   53  N N7    . DG  A 1 3  ? -7.433  3.142   -2.934  1.00 24.80 ? 3  DG  A N7    1 
ATOM   54  C C5    . DG  A 1 3  ? -7.657  3.898   -1.806  1.00 22.13 ? 3  DG  A C5    1 
ATOM   55  C C6    . DG  A 1 3  ? -8.084  3.472   -0.557  1.00 20.05 ? 3  DG  A C6    1 
ATOM   56  O O6    . DG  A 1 3  ? -8.396  2.353   -0.226  1.00 20.95 ? 3  DG  A O6    1 
ATOM   57  N N1    . DG  A 1 3  ? -8.181  4.504   0.312   1.00 22.60 ? 3  DG  A N1    1 
ATOM   58  C C2    . DG  A 1 3  ? -7.910  5.817   0.009   1.00 23.40 ? 3  DG  A C2    1 
ATOM   59  N N2    . DG  A 1 3  ? -8.152  6.679   0.991   1.00 23.45 ? 3  DG  A N2    1 
ATOM   60  N N3    . DG  A 1 3  ? -7.502  6.245   -1.190  1.00 23.44 ? 3  DG  A N3    1 
ATOM   61  C C4    . DG  A 1 3  ? -7.404  5.220   -2.034  1.00 24.96 ? 3  DG  A C4    1 
HETATM 62  N N1    . 5CM A 1 4  ? -4.221  6.123   0.322   1.00 29.83 ? 4  5CM A N1    1 
HETATM 63  C C2    . 5CM A 1 4  ? -4.686  5.558   1.482   1.00 27.95 ? 4  5CM A C2    1 
HETATM 64  N N3    . 5CM A 1 4  ? -4.949  4.229   1.464   1.00 27.85 ? 4  5CM A N3    1 
HETATM 65  C C4    . 5CM A 1 4  ? -4.788  3.472   0.364   1.00 27.80 ? 4  5CM A C4    1 
HETATM 66  C C5    . 5CM A 1 4  ? -4.310  4.042   -0.829  1.00 23.98 ? 4  5CM A C5    1 
HETATM 67  C C5A   . 5CM A 1 4  ? -4.143  3.228   -2.084  1.00 19.20 ? 4  5CM A C5A   1 
HETATM 68  C C6    . 5CM A 1 4  ? -4.036  5.353   -0.805  1.00 28.15 ? 4  5CM A C6    1 
HETATM 69  O O2    . 5CM A 1 4  ? -4.930  6.248   2.478   1.00 32.98 ? 4  5CM A O2    1 
HETATM 70  N N4    . 5CM A 1 4  ? -5.149  2.180   0.383   1.00 28.12 ? 4  5CM A N4    1 
HETATM 71  C "C1'" . 5CM A 1 4  ? -4.012  7.595   0.331   1.00 33.03 ? 4  5CM A "C1'" 1 
HETATM 72  C "C2'" . 5CM A 1 4  ? -2.727  8.013   1.050   1.00 35.40 ? 4  5CM A "C2'" 1 
HETATM 73  C "C3'" . 5CM A 1 4  ? -1.781  8.040   -0.114  1.00 37.66 ? 4  5CM A "C3'" 1 
HETATM 74  C "C4'" . 5CM A 1 4  ? -2.644  8.822   -1.051  1.00 35.55 ? 4  5CM A "C4'" 1 
HETATM 75  O "O4'" . 5CM A 1 4  ? -3.884  8.129   -0.987  1.00 34.36 ? 4  5CM A "O4'" 1 
HETATM 76  O "O3'" . 5CM A 1 4  ? -0.677  8.871   0.235   1.00 42.13 ? 4  5CM A "O3'" 1 
HETATM 77  C "C5'" . 5CM A 1 4  ? -2.193  8.714   -2.462  1.00 36.71 ? 4  5CM A "C5'" 1 
HETATM 78  O "O5'" . 5CM A 1 4  ? -2.281  7.339   -2.819  1.00 39.48 ? 4  5CM A "O5'" 1 
HETATM 79  P P     . 5CM A 1 4  ? -2.097  6.884   -4.347  1.00 43.20 ? 4  5CM A P     1 
HETATM 80  O OP1   . 5CM A 1 4  ? -1.087  7.752   -4.998  1.00 50.02 ? 4  5CM A OP1   1 
HETATM 81  O OP2   . 5CM A 1 4  ? -1.986  5.405   -4.420  1.00 45.35 ? 4  5CM A OP2   1 
ATOM   82  P P     . DG  A 1 5  ? 0.695   8.235   0.812   1.00 38.95 ? 5  DG  A P     1 
ATOM   83  O OP1   . DG  A 1 5  ? 1.697   9.314   0.819   1.00 47.74 ? 5  DG  A OP1   1 
ATOM   84  O OP2   . DG  A 1 5  ? 0.998   6.959   0.097   1.00 41.65 ? 5  DG  A OP2   1 
ATOM   85  O "O5'" . DG  A 1 5  ? 0.348   7.869   2.345   1.00 37.72 ? 5  DG  A "O5'" 1 
ATOM   86  C "C5'" . DG  A 1 5  ? 0.419   8.791   3.417   1.00 31.05 ? 5  DG  A "C5'" 1 
ATOM   87  C "C4'" . DG  A 1 5  ? 0.090   8.053   4.714   1.00 31.03 ? 5  DG  A "C4'" 1 
ATOM   88  O "O4'" . DG  A 1 5  ? -1.220  7.486   4.601   1.00 29.57 ? 5  DG  A "O4'" 1 
ATOM   89  C "C3'" . DG  A 1 5  ? 0.968   6.849   5.017   1.00 32.02 ? 5  DG  A "C3'" 1 
ATOM   90  O "O3'" . DG  A 1 5  ? 2.148   7.316   5.686   1.00 33.06 ? 5  DG  A "O3'" 1 
ATOM   91  C "C2'" . DG  A 1 5  ? 0.070   6.166   6.044   1.00 28.29 ? 5  DG  A "C2'" 1 
ATOM   92  C "C1'" . DG  A 1 5  ? -1.267  6.289   5.364   1.00 25.64 ? 5  DG  A "C1'" 1 
ATOM   93  N N9    . DG  A 1 5  ? -1.502  5.191   4.484   1.00 23.62 ? 5  DG  A N9    1 
ATOM   94  C C8    . DG  A 1 5  ? -1.414  5.093   3.110   1.00 25.67 ? 5  DG  A C8    1 
ATOM   95  N N7    . DG  A 1 5  ? -1.802  3.958   2.645   1.00 23.63 ? 5  DG  A N7    1 
ATOM   96  C C5    . DG  A 1 5  ? -2.183  3.250   3.789   1.00 24.12 ? 5  DG  A C5    1 
ATOM   97  C C6    . DG  A 1 5  ? -2.645  1.917   3.928   1.00 22.95 ? 5  DG  A C6    1 
ATOM   98  O O6    . DG  A 1 5  ? -2.918  1.077   3.069   1.00 19.62 ? 5  DG  A O6    1 
ATOM   99  N N1    . DG  A 1 5  ? -2.805  1.587   5.236   1.00 20.89 ? 5  DG  A N1    1 
ATOM   100 C C2    . DG  A 1 5  ? -2.563  2.414   6.300   1.00 23.04 ? 5  DG  A C2    1 
ATOM   101 N N2    . DG  A 1 5  ? -2.780  1.872   7.504   1.00 24.26 ? 5  DG  A N2    1 
ATOM   102 N N3    . DG  A 1 5  ? -2.140  3.674   6.185   1.00 24.95 ? 5  DG  A N3    1 
ATOM   103 C C4    . DG  A 1 5  ? -1.980  4.014   4.901   1.00 24.24 ? 5  DG  A C4    1 
ATOM   104 P P     . DC  A 1 6  ? 3.526   6.503   5.525   1.00 37.07 ? 6  DC  A P     1 
ATOM   105 O OP1   . DC  A 1 6  ? 4.624   7.333   6.063   1.00 38.36 ? 6  DC  A OP1   1 
ATOM   106 O OP2   . DC  A 1 6  ? 3.679   5.986   4.158   1.00 35.46 ? 6  DC  A OP2   1 
ATOM   107 O "O5'" . DC  A 1 6  ? 3.231   5.260   6.495   1.00 33.22 ? 6  DC  A "O5'" 1 
ATOM   108 C "C5'" . DC  A 1 6  ? 3.272   5.385   7.887   1.00 25.32 ? 6  DC  A "C5'" 1 
ATOM   109 C "C4'" . DC  A 1 6  ? 2.840   4.099   8.494   1.00 24.14 ? 6  DC  A "C4'" 1 
ATOM   110 O "O4'" . DC  A 1 6  ? 1.551   3.823   7.996   1.00 29.66 ? 6  DC  A "O4'" 1 
ATOM   111 C "C3'" . DC  A 1 6  ? 3.599   2.934   8.099   1.00 27.19 ? 6  DC  A "C3'" 1 
ATOM   112 O "O3'" . DC  A 1 6  ? 4.755   2.960   8.859   1.00 37.31 ? 6  DC  A "O3'" 1 
ATOM   113 C "C2'" . DC  A 1 6  ? 2.674   1.905   8.639   1.00 28.83 ? 6  DC  A "C2'" 1 
ATOM   114 C "C1'" . DC  A 1 6  ? 1.392   2.421   7.973   1.00 28.69 ? 6  DC  A "C1'" 1 
ATOM   115 N N1    . DC  A 1 6  ? 1.095   1.967   6.556   1.00 27.80 ? 6  DC  A N1    1 
ATOM   116 C C2    . DC  A 1 6  ? 0.591   0.688   6.444   1.00 28.94 ? 6  DC  A C2    1 
ATOM   117 O O2    . DC  A 1 6  ? 0.388   0.023   7.464   1.00 29.40 ? 6  DC  A O2    1 
ATOM   118 N N3    . DC  A 1 6  ? 0.333   0.214   5.193   1.00 27.22 ? 6  DC  A N3    1 
ATOM   119 C C4    . DC  A 1 6  ? 0.566   0.967   4.095   1.00 31.55 ? 6  DC  A C4    1 
ATOM   120 N N4    . DC  A 1 6  ? 0.305   0.452   2.890   1.00 29.06 ? 6  DC  A N4    1 
ATOM   121 C C5    . DC  A 1 6  ? 1.084   2.295   4.180   1.00 23.44 ? 6  DC  A C5    1 
ATOM   122 C C6    . DC  A 1 6  ? 1.323   2.742   5.422   1.00 26.89 ? 6  DC  A C6    1 
ATOM   123 P P     . DG  A 1 7  ? 6.045   2.229   8.308   1.00 38.56 ? 7  DG  A P     1 
ATOM   124 O OP1   . DG  A 1 7  ? 7.199   2.736   9.085   1.00 42.80 ? 7  DG  A OP1   1 
ATOM   125 O OP2   . DG  A 1 7  ? 6.054   2.276   6.811   1.00 40.36 ? 7  DG  A OP2   1 
ATOM   126 O "O5'" . DG  A 1 7  ? 5.691   0.766   8.802   1.00 34.89 ? 7  DG  A "O5'" 1 
ATOM   127 C "C5'" . DG  A 1 7  ? 6.117   -0.319  8.052   1.00 32.20 ? 7  DG  A "C5'" 1 
ATOM   128 C "C4'" . DG  A 1 7  ? 5.382   -1.505  8.517   1.00 33.02 ? 7  DG  A "C4'" 1 
ATOM   129 O "O4'" . DG  A 1 7  ? 3.968   -1.341  8.288   1.00 27.63 ? 7  DG  A "O4'" 1 
ATOM   130 C "C3'" . DG  A 1 7  ? 5.816   -2.630  7.603   1.00 36.92 ? 7  DG  A "C3'" 1 
ATOM   131 O "O3'" . DG  A 1 7  ? 6.863   -3.320  8.277   1.00 39.77 ? 7  DG  A "O3'" 1 
ATOM   132 C "C2'" . DG  A 1 7  ? 4.575   -3.487  7.654   1.00 30.27 ? 7  DG  A "C2'" 1 
ATOM   133 C "C1'" . DG  A 1 7  ? 3.564   -2.401  7.418   1.00 27.42 ? 7  DG  A "C1'" 1 
ATOM   134 N N9    . DG  A 1 7  ? 3.492   -1.968  5.976   1.00 20.23 ? 7  DG  A N9    1 
ATOM   135 C C8    . DG  A 1 7  ? 3.682   -0.744  5.395   1.00 18.77 ? 7  DG  A C8    1 
ATOM   136 N N7    . DG  A 1 7  ? 3.311   -0.692  4.155   1.00 20.86 ? 7  DG  A N7    1 
ATOM   137 C C5    . DG  A 1 7  ? 2.844   -1.975  3.890   1.00 20.28 ? 7  DG  A C5    1 
ATOM   138 C C6    . DG  A 1 7  ? 2.239   -2.514  2.711   1.00 24.11 ? 7  DG  A C6    1 
ATOM   139 O O6    . DG  A 1 7  ? 1.989   -1.983  1.619   1.00 30.42 ? 7  DG  A O6    1 
ATOM   140 N N1    . DG  A 1 7  ? 1.882   -3.820  2.908   1.00 18.33 ? 7  DG  A N1    1 
ATOM   141 C C2    . DG  A 1 7  ? 2.071   -4.530  4.074   1.00 18.72 ? 7  DG  A C2    1 
ATOM   142 N N2    . DG  A 1 7  ? 1.733   -5.801  4.047   1.00 18.41 ? 7  DG  A N2    1 
ATOM   143 N N3    . DG  A 1 7  ? 2.607   -4.038  5.159   1.00 20.10 ? 7  DG  A N3    1 
ATOM   144 C C4    . DG  A 1 7  ? 2.971   -2.751  4.993   1.00 18.28 ? 7  DG  A C4    1 
ATOM   145 P P     . DC  A 1 8  ? 8.309   -3.460  7.629   1.00 41.00 ? 8  DC  A P     1 
ATOM   146 O OP1   . DC  A 1 8  ? 9.060   -4.052  8.771   1.00 46.89 ? 8  DC  A OP1   1 
ATOM   147 O OP2   . DC  A 1 8  ? 8.709   -2.178  7.003   1.00 40.04 ? 8  DC  A OP2   1 
ATOM   148 O "O5'" . DC  A 1 8  ? 8.127   -4.557  6.432   1.00 35.43 ? 8  DC  A "O5'" 1 
ATOM   149 C "C5'" . DC  A 1 8  ? 7.773   -5.868  6.844   1.00 29.38 ? 8  DC  A "C5'" 1 
ATOM   150 C "C4'" . DC  A 1 8  ? 7.038   -6.582  5.791   1.00 26.87 ? 8  DC  A "C4'" 1 
ATOM   151 O "O4'" . DC  A 1 8  ? 6.024   -5.743  5.343   1.00 29.42 ? 8  DC  A "O4'" 1 
ATOM   152 C "C3'" . DC  A 1 8  ? 7.763   -6.825  4.566   1.00 29.68 ? 8  DC  A "C3'" 1 
ATOM   153 O "O3'" . DC  A 1 8  ? 8.599   -7.901  4.859   1.00 37.44 ? 8  DC  A "O3'" 1 
ATOM   154 C "C2'" . DC  A 1 8  ? 6.610   -7.360  3.786   1.00 25.41 ? 8  DC  A "C2'" 1 
ATOM   155 C "C1'" . DC  A 1 8  ? 5.603   -6.316  4.103   1.00 26.69 ? 8  DC  A "C1'" 1 
ATOM   156 N N1    . DC  A 1 8  ? 5.519   -5.249  3.104   1.00 24.11 ? 8  DC  A N1    1 
ATOM   157 C C2    . DC  A 1 8  ? 4.913   -5.516  1.906   1.00 25.74 ? 8  DC  A C2    1 
ATOM   158 O O2    . DC  A 1 8  ? 4.448   -6.611  1.630   1.00 25.56 ? 8  DC  A O2    1 
ATOM   159 N N3    . DC  A 1 8  ? 4.806   -4.523  1.011   1.00 26.44 ? 8  DC  A N3    1 
ATOM   160 C C4    . DC  A 1 8  ? 5.280   -3.324  1.278   1.00 24.68 ? 8  DC  A C4    1 
ATOM   161 N N4    . DC  A 1 8  ? 5.233   -2.405  0.343   1.00 29.82 ? 8  DC  A N4    1 
ATOM   162 C C5    . DC  A 1 8  ? 5.900   -3.014  2.505   1.00 25.48 ? 8  DC  A C5    1 
ATOM   163 C C6    . DC  A 1 8  ? 5.993   -4.016  3.383   1.00 23.68 ? 8  DC  A C6    1 
ATOM   164 P P     . DG  A 1 9  ? 9.910   -8.151  3.971   1.00 40.56 ? 9  DG  A P     1 
ATOM   165 O OP1   . DG  A 1 9  ? 10.674  -9.186  4.687   1.00 42.67 ? 9  DG  A OP1   1 
ATOM   166 O OP2   . DG  A 1 9  ? 10.561  -6.863  3.614   1.00 35.45 ? 9  DG  A OP2   1 
ATOM   167 O "O5'" . DG  A 1 9  ? 9.279   -8.799  2.653   1.00 37.76 ? 9  DG  A "O5'" 1 
ATOM   168 C "C5'" . DG  A 1 9  ? 8.839   -10.144 2.677   1.00 36.74 ? 9  DG  A "C5'" 1 
ATOM   169 C "C4'" . DG  A 1 9  ? 8.186   -10.422 1.339   1.00 40.34 ? 9  DG  A "C4'" 1 
ATOM   170 O "O4'" . DG  A 1 9  ? 7.113   -9.494  1.181   1.00 37.16 ? 9  DG  A "O4'" 1 
ATOM   171 C "C3'" . DG  A 1 9  ? 9.056   -10.199 0.106   1.00 39.85 ? 9  DG  A "C3'" 1 
ATOM   172 O "O3'" . DG  A 1 9  ? 9.793   -11.400 -0.121  1.00 46.62 ? 9  DG  A "O3'" 1 
ATOM   173 C "C2'" . DG  A 1 9  ? 7.934   -10.140 -0.926  1.00 41.33 ? 9  DG  A "C2'" 1 
ATOM   174 C "C1'" . DG  A 1 9  ? 7.015   -9.183  -0.224  1.00 36.00 ? 9  DG  A "C1'" 1 
ATOM   175 N N9    . DG  A 1 9  ? 7.310   -7.754  -0.498  1.00 27.31 ? 9  DG  A N9    1 
ATOM   176 C C8    . DG  A 1 9  ? 7.921   -6.799  0.266   1.00 22.50 ? 9  DG  A C8    1 
ATOM   177 N N7    . DG  A 1 9  ? 7.788   -5.624  -0.243  1.00 22.70 ? 9  DG  A N7    1 
ATOM   178 C C5    . DG  A 1 9  ? 7.052   -5.813  -1.419  1.00 20.34 ? 9  DG  A C5    1 
ATOM   179 C C6    . DG  A 1 9  ? 6.657   -4.912  -2.425  1.00 21.43 ? 9  DG  A C6    1 
ATOM   180 O O6    . DG  A 1 9  ? 6.744   -3.688  -2.449  1.00 27.48 ? 9  DG  A O6    1 
ATOM   181 N N1    . DG  A 1 9  ? 6.030   -5.529  -3.489  1.00 21.90 ? 9  DG  A N1    1 
ATOM   182 C C2    . DG  A 1 9  ? 5.789   -6.868  -3.576  1.00 24.21 ? 9  DG  A C2    1 
ATOM   183 N N2    . DG  A 1 9  ? 5.182   -7.305  -4.684  1.00 19.46 ? 9  DG  A N2    1 
ATOM   184 N N3    . DG  A 1 9  ? 6.149   -7.715  -2.610  1.00 24.24 ? 9  DG  A N3    1 
ATOM   185 C C4    . DG  A 1 9  ? 6.775   -7.109  -1.574  1.00 22.83 ? 9  DG  A C4    1 
ATOM   186 P P     . DC  A 1 10 ? 11.242  -11.435 -0.823  1.00 44.13 ? 10 DC  A P     1 
ATOM   187 O OP1   . DC  A 1 10 ? 11.826  -12.769 -0.558  1.00 51.22 ? 10 DC  A OP1   1 
ATOM   188 O OP2   . DC  A 1 10 ? 11.983  -10.225 -0.394  1.00 48.12 ? 10 DC  A OP2   1 
ATOM   189 O "O5'" . DC  A 1 10 ? 10.882  -11.284 -2.386  1.00 45.31 ? 10 DC  A "O5'" 1 
ATOM   190 C "C5'" . DC  A 1 10 ? 10.129  -12.237 -3.144  1.00 40.03 ? 10 DC  A "C5'" 1 
ATOM   191 C "C4'" . DC  A 1 10 ? 9.741   -11.645 -4.495  1.00 38.99 ? 10 DC  A "C4'" 1 
ATOM   192 O "O4'" . DC  A 1 10 ? 8.749   -10.619 -4.343  1.00 33.76 ? 10 DC  A "O4'" 1 
ATOM   193 C "C3'" . DC  A 1 10 ? 10.914  -10.916 -5.139  1.00 39.02 ? 10 DC  A "C3'" 1 
ATOM   194 O "O3'" . DC  A 1 10 ? 11.911  -11.829 -5.594  1.00 42.61 ? 10 DC  A "O3'" 1 
ATOM   195 C "C2'" . DC  A 1 10 ? 10.149  -10.137 -6.190  1.00 36.63 ? 10 DC  A "C2'" 1 
ATOM   196 C "C1'" . DC  A 1 10 ? 8.987   -9.620  -5.334  1.00 31.88 ? 10 DC  A "C1'" 1 
ATOM   197 N N1    . DC  A 1 10 ? 9.255   -8.298  -4.726  1.00 27.22 ? 10 DC  A N1    1 
ATOM   198 C C2    . DC  A 1 10 ? 8.796   -7.203  -5.442  1.00 26.53 ? 10 DC  A C2    1 
ATOM   199 O O2    . DC  A 1 10 ? 8.199   -7.334  -6.505  1.00 28.26 ? 10 DC  A O2    1 
ATOM   200 N N3    . DC  A 1 10 ? 8.980   -5.970  -4.942  1.00 23.33 ? 10 DC  A N3    1 
ATOM   201 C C4    . DC  A 1 10 ? 9.595   -5.801  -3.766  1.00 25.56 ? 10 DC  A C4    1 
ATOM   202 N N4    . DC  A 1 10 ? 9.675   -4.574  -3.261  1.00 27.43 ? 10 DC  A N4    1 
ATOM   203 C C5    . DC  A 1 10 ? 10.093  -6.904  -2.998  1.00 24.12 ? 10 DC  A C5    1 
ATOM   204 C C6    . DC  A 1 10 ? 9.898   -8.129  -3.515  1.00 26.41 ? 10 DC  A C6    1 
HETATM 205 O O     . HOH B 2 .  ? 6.783   -11.309 6.370   1.00 43.58 ? 11 HOH A O     1 
HETATM 206 O O     . HOH B 2 .  ? -2.624  10.939  5.230   1.00 74.09 ? 12 HOH A O     1 
HETATM 207 O O     . HOH B 2 .  ? -14.542 -2.071  -1.866  1.00 66.34 ? 13 HOH A O     1 
HETATM 208 O O     . HOH B 2 .  ? -8.222  -0.327  -0.503  1.00 56.12 ? 14 HOH A O     1 
HETATM 209 O O     . HOH B 2 .  ? -7.165  0.381   -3.554  1.00 48.18 ? 15 HOH A O     1 
HETATM 210 O O     . HOH B 2 .  ? -0.487  3.845   -7.579  1.00 58.94 ? 16 HOH A O     1 
HETATM 211 O O     . HOH B 2 .  ? -0.177  4.482   -1.618  1.00 63.61 ? 17 HOH A O     1 
HETATM 212 O O     . HOH B 2 .  ? -0.996  2.740   0.413   1.00 49.01 ? 18 HOH A O     1 
HETATM 213 O O     . HOH B 2 .  ? 1.945   1.915   0.564   1.00 52.02 ? 19 HOH A O     1 
HETATM 214 O O     . HOH B 2 .  ? 2.062   4.696   1.725   1.00 45.80 ? 20 HOH A O     1 
HETATM 215 O O     . HOH B 2 .  ? 5.594   8.020   2.220   1.00 71.71 ? 21 HOH A O     1 
HETATM 216 O O     . HOH B 2 .  ? 4.106   1.319   2.320   1.00 58.26 ? 22 HOH A O     1 
HETATM 217 O O     . HOH B 2 .  ? 4.678   3.732   3.444   1.00 54.99 ? 23 HOH A O     1 
HETATM 218 O O     . HOH B 2 .  ? 7.578   6.376   6.038   1.00 66.45 ? 24 HOH A O     1 
HETATM 219 O O     . HOH B 2 .  ? 7.860   -1.032  4.685   1.00 58.80 ? 25 HOH A O     1 
HETATM 220 O O     . HOH B 2 .  ? 13.772  -10.016 2.964   1.00 90.19 ? 26 HOH A O     1 
HETATM 221 O O     . HOH B 2 .  ? 12.167  -7.262  0.005   1.00 49.99 ? 27 HOH A O     1 
HETATM 222 O O     . HOH B 2 .  ? 11.685  -3.686  -1.501  1.00 67.45 ? 28 HOH A O     1 
HETATM 223 O O     . HOH B 2 .  ? 9.263   -3.433  0.941   1.00 69.02 ? 29 HOH A O     1 
HETATM 224 O O     . HOH B 2 .  ? 13.888  -12.460 -3.876  1.00 85.66 ? 30 HOH A O     1 
HETATM 225 O O     . HOH B 2 .  ? 9.055   -14.918 -1.793  1.00 64.13 ? 31 HOH A O     1 
HETATM 226 O O     . HOH B 2 .  ? 5.584   -11.845 -5.568  1.00 75.57 ? 32 HOH A O     1 
HETATM 227 O O     . HOH B 2 .  ? 5.587   -10.327 -3.248  1.00 63.38 ? 33 HOH A O     1 
HETATM 228 O O     . HOH B 2 .  ? -14.479 6.400   -8.298  1.00 73.91 ? 34 HOH A O     1 
HETATM 229 O O     . HOH B 2 .  ? -3.202  13.110  -0.529  1.00 73.92 ? 35 HOH A O     1 
HETATM 230 O O     . HOH B 2 .  ? -4.594  8.839   3.926   1.00 62.96 ? 36 HOH A O     1 
HETATM 231 O O     . HOH B 2 .  ? -4.112  17.378  -3.885  1.00 78.64 ? 37 HOH A O     1 
HETATM 232 O O     . HOH B 2 .  ? -7.048  9.706   -0.532  1.00 68.48 ? 38 HOH A O     1 
HETATM 233 O O     . HOH B 2 .  ? -5.456  11.334  -3.997  1.00 68.24 ? 39 HOH A O     1 
HETATM 234 O O     . HOH B 2 .  ? -10.562 7.604   -6.378  1.00 49.54 ? 40 HOH A O     1 
HETATM 235 O O     . HOH B 2 .  ? 8.298   -1.738  -1.372  1.00 56.55 ? 41 HOH A O     1 
HETATM 236 O O     . HOH B 2 .  ? -13.093 8.679   -6.033  0.50 44.41 ? 42 HOH A O     1 
HETATM 237 O O     . HOH B 2 .  ? -2.500  2.158   -5.395  1.00 77.87 ? 43 HOH A O     1 
HETATM 238 O O     . HOH B 2 .  ? -2.288  -0.384  0.832   0.50 26.90 ? 44 HOH A O     1 
HETATM 239 O O     . HOH B 2 .  ? -5.173  -0.518  0.172   1.00 77.90 ? 45 HOH A O     1 
HETATM 240 O O     . HOH B 2 .  ? 4.850   3.836   0.054   1.00 62.22 ? 46 HOH A O     1 
HETATM 241 O O     . HOH B 2 .  ? 7.532   1.776   4.212   1.00 81.25 ? 47 HOH A O     1 
HETATM 242 O O     . HOH B 2 .  ? 9.301   -3.335  4.249   1.00 82.16 ? 48 HOH A O     1 
HETATM 243 O O     . HOH B 2 .  ? 11.884  -5.768  7.076   1.00 61.76 ? 49 HOH A O     1 
HETATM 244 O O     . HOH B 2 .  ? 4.071   -9.071  2.488   1.00 64.49 ? 50 HOH A O     1 
HETATM 245 O O     . HOH B 2 .  ? 5.419   -11.336 3.934   1.00 75.58 ? 51 HOH A O     1 
# 
